data_4ALA
#
_entry.id   4ALA
#
_cell.length_a   40.590
_cell.length_b   126.040
_cell.length_c   52.990
_cell.angle_alpha   90.00
_cell.angle_beta   95.74
_cell.angle_gamma   90.00
#
_symmetry.space_group_name_H-M   'P 1 21 1'
#
loop_
_entity.id
_entity.type
_entity.pdbx_description
1 polymer 'ENVELOPE PROTEIN'
2 polymer 'FAB 2H12 HEAVY CHAIN'
3 polymer 'FAB 2H12 LIGHT CHAIN'
4 non-polymer GLYCEROL
5 water water
#
loop_
_entity_poly.entity_id
_entity_poly.type
_entity_poly.pdbx_seq_one_letter_code
_entity_poly.pdbx_strand_id
1 'polypeptide(L)'
;KGMSYAMCLNTFVLKKEVSETQHGTILIKVEYKGEDAPCKIPFSTEDGQGKAHNGRLITANPVVTKKEEPVNIEAEPPFG
ESNIVIGIGDKALKINWYRKG
;
C
2 'polypeptide(L)'
;DVQLVEPGAELVQPGASVKMSCKASGYTFSSYWINWEKQRPGKGLEWIGNIYPGSGTVNYDDKFKSKATLTIDTSSNTAY
MQLSSLTSEDSAVYYCTRGGSHAMDYWGQGTSVTVSSAKTTPPSVYPLAPGCGDTTGSSVTLGCLVKGYFPESVTVTWNS
GSLSSSVHTFPALLQSGLYTMSSSVTVPSSTWPSQTVTCSVAHPASSTTVDKKLEPR
;
H
3 'polypeptide(L)'
;DIVMTQSQKFMSTSVGDRVSITCKASQNVRTSVAWYQQKPGQSPKALIYLASNRHTGVPDRFTGSGSGTDFTLTISNVQS
EDLADYFCLQHWTYPYTFGGGTKLEIKRADAAPTVSIFPPSSEQLTSGGASVVCFLNNFYPKDINVKWKIDGSERQNGVL
NSWTDQDSKDSTYSMSSTLTLTKDEYERHNSYTCEATHKTSTSPIVKSFNRN
;
L
#
loop_
_chem_comp.id
_chem_comp.type
_chem_comp.name
_chem_comp.formula
GOL non-polymer GLYCEROL 'C3 H8 O3'
#
# COMPACT_ATOMS: atom_id res chain seq x y z
N ALA A 6 29.38 22.96 -22.27
CA ALA A 6 30.74 23.08 -21.76
C ALA A 6 30.85 22.90 -20.23
N MET A 7 32.10 22.84 -19.73
CA MET A 7 32.42 22.70 -18.31
C MET A 7 32.15 24.01 -17.57
N CYS A 8 31.72 23.91 -16.29
CA CYS A 8 31.48 25.07 -15.41
C CYS A 8 32.83 25.78 -15.22
N LEU A 9 32.85 27.12 -15.41
CA LEU A 9 34.07 27.94 -15.32
C LEU A 9 34.24 28.75 -14.03
N ASN A 10 33.19 28.83 -13.20
CA ASN A 10 33.22 29.60 -11.96
C ASN A 10 33.44 28.75 -10.68
N THR A 11 33.15 29.35 -9.52
CA THR A 11 33.37 28.80 -8.17
C THR A 11 32.22 27.92 -7.63
N PHE A 12 32.59 26.90 -6.85
CA PHE A 12 31.71 25.99 -6.14
C PHE A 12 31.99 26.17 -4.66
N VAL A 13 30.94 26.09 -3.85
CA VAL A 13 31.05 26.18 -2.39
C VAL A 13 30.37 24.96 -1.78
N LEU A 14 30.94 24.44 -0.68
CA LEU A 14 30.39 23.28 0.04
C LEU A 14 29.13 23.76 0.79
N LYS A 15 27.98 23.18 0.48
CA LYS A 15 26.71 23.55 1.13
C LYS A 15 26.46 22.78 2.44
N LYS A 16 27.20 21.67 2.63
CA LYS A 16 27.06 20.81 3.81
C LYS A 16 28.34 20.00 3.94
N GLU A 17 28.76 19.67 5.18
CA GLU A 17 29.97 18.85 5.36
C GLU A 17 29.76 17.50 4.67
N VAL A 18 30.82 16.98 4.05
CA VAL A 18 30.79 15.68 3.36
C VAL A 18 30.47 14.58 4.39
N SER A 19 29.59 13.65 4.04
CA SER A 19 29.19 12.55 4.91
C SER A 19 29.19 11.22 4.16
N GLU A 20 29.23 10.12 4.92
CA GLU A 20 29.13 8.80 4.36
C GLU A 20 27.63 8.51 4.15
N THR A 21 27.28 7.88 3.02
CA THR A 21 25.87 7.51 2.72
C THR A 21 25.59 6.06 3.22
N GLN A 22 24.29 5.66 3.21
CA GLN A 22 23.82 4.31 3.58
C GLN A 22 24.45 3.20 2.70
N HIS A 23 24.78 3.54 1.47
CA HIS A 23 25.34 2.64 0.46
C HIS A 23 26.86 2.75 0.27
N GLY A 24 27.54 3.30 1.27
CA GLY A 24 28.98 3.40 1.33
C GLY A 24 29.69 4.33 0.36
N THR A 25 29.02 5.39 -0.05
CA THR A 25 29.65 6.40 -0.90
C THR A 25 29.80 7.65 -0.03
N ILE A 26 30.40 8.69 -0.57
CA ILE A 26 30.48 9.97 0.09
C ILE A 26 29.61 10.93 -0.69
N LEU A 27 28.81 11.72 0.04
CA LEU A 27 27.87 12.68 -0.53
C LEU A 27 28.41 14.08 -0.36
N ILE A 28 28.54 14.77 -1.49
CA ILE A 28 29.12 16.12 -1.56
C ILE A 28 28.07 17.11 -2.13
N LYS A 29 27.52 18.00 -1.29
CA LYS A 29 26.54 18.99 -1.71
C LYS A 29 27.22 20.32 -2.01
N VAL A 30 27.13 20.76 -3.27
CA VAL A 30 27.74 22.00 -3.71
C VAL A 30 26.73 23.02 -4.19
N GLU A 31 27.10 24.29 -4.09
CA GLU A 31 26.33 25.41 -4.61
C GLU A 31 27.28 26.13 -5.59
N TYR A 32 26.78 26.39 -6.81
CA TYR A 32 27.51 27.05 -7.87
C TYR A 32 27.30 28.57 -7.86
N LYS A 33 28.37 29.33 -8.13
CA LYS A 33 28.38 30.79 -8.10
C LYS A 33 28.42 31.47 -9.48
N GLY A 34 28.60 30.69 -10.55
CA GLY A 34 28.74 31.21 -11.92
C GLY A 34 27.49 31.60 -12.69
N GLU A 35 27.72 32.29 -13.83
CA GLU A 35 26.72 32.81 -14.78
C GLU A 35 26.34 31.82 -15.90
N ASP A 36 27.25 30.87 -16.20
CA ASP A 36 27.19 29.86 -17.29
C ASP A 36 26.32 28.58 -17.09
N ALA A 37 25.44 28.54 -16.06
CA ALA A 37 24.58 27.37 -15.85
C ALA A 37 23.41 27.34 -16.88
N PRO A 38 23.03 26.18 -17.48
CA PRO A 38 23.52 24.80 -17.26
C PRO A 38 24.96 24.52 -17.70
N CYS A 39 25.73 23.81 -16.85
CA CYS A 39 27.12 23.43 -17.14
C CYS A 39 27.54 22.15 -16.45
N LYS A 40 28.61 21.52 -16.96
CA LYS A 40 29.12 20.26 -16.42
C LYS A 40 30.15 20.53 -15.33
N ILE A 41 29.94 19.87 -14.17
CA ILE A 41 30.80 20.05 -13.00
C ILE A 41 32.17 19.40 -13.22
N PRO A 42 33.26 20.19 -13.13
CA PRO A 42 34.60 19.60 -13.21
C PRO A 42 34.86 18.81 -11.92
N PHE A 43 35.31 17.56 -12.05
CA PHE A 43 35.54 16.69 -10.90
C PHE A 43 36.83 15.90 -11.06
N SER A 44 37.70 15.98 -10.04
CA SER A 44 38.97 15.24 -10.03
C SER A 44 39.37 14.81 -8.63
N THR A 45 40.01 13.64 -8.52
CA THR A 45 40.48 13.07 -7.25
C THR A 45 42.00 13.14 -7.14
N ARG A 56 36.58 7.98 -7.09
CA ARG A 56 35.91 7.78 -8.39
C ARG A 56 34.48 8.31 -8.35
N LEU A 57 34.07 9.06 -9.40
CA LEU A 57 32.74 9.63 -9.54
C LEU A 57 31.66 8.54 -9.68
N ILE A 58 30.64 8.61 -8.82
CA ILE A 58 29.50 7.70 -8.81
C ILE A 58 28.36 8.37 -9.61
N THR A 59 28.14 9.70 -9.40
CA THR A 59 27.12 10.47 -10.13
C THR A 59 27.50 10.44 -11.63
N ALA A 60 26.59 9.90 -12.49
CA ALA A 60 26.80 9.72 -13.92
C ALA A 60 27.16 11.02 -14.65
N ASN A 61 26.24 12.01 -14.67
CA ASN A 61 26.51 13.27 -15.37
C ASN A 61 26.38 14.45 -14.39
N PRO A 62 27.39 14.71 -13.51
CA PRO A 62 27.23 15.81 -12.54
C PRO A 62 27.20 17.14 -13.25
N VAL A 63 26.04 17.77 -13.18
CA VAL A 63 25.72 19.00 -13.89
C VAL A 63 25.07 20.04 -12.96
N VAL A 64 25.33 21.34 -13.21
CA VAL A 64 24.68 22.45 -12.51
C VAL A 64 23.51 22.84 -13.42
N THR A 65 22.25 22.77 -12.91
CA THR A 65 21.06 23.14 -13.71
C THR A 65 20.80 24.64 -13.55
N LYS A 66 20.70 25.11 -12.30
CA LYS A 66 20.47 26.50 -11.93
C LYS A 66 21.48 26.90 -10.87
N LYS A 67 21.91 28.19 -10.90
CA LYS A 67 22.85 28.81 -9.94
C LYS A 67 22.36 28.64 -8.49
N GLU A 68 21.06 28.93 -8.24
CA GLU A 68 20.42 28.86 -6.91
C GLU A 68 20.39 27.44 -6.34
N GLU A 69 20.03 26.45 -7.17
CA GLU A 69 19.87 25.06 -6.77
C GLU A 69 21.19 24.33 -6.42
N PRO A 70 21.39 23.93 -5.14
CA PRO A 70 22.57 23.11 -4.81
C PRO A 70 22.47 21.75 -5.50
N VAL A 71 23.61 21.07 -5.72
CA VAL A 71 23.58 19.76 -6.40
C VAL A 71 24.32 18.72 -5.58
N ASN A 72 23.79 17.49 -5.56
CA ASN A 72 24.44 16.41 -4.82
C ASN A 72 25.37 15.63 -5.73
N ILE A 73 26.61 15.47 -5.29
CA ILE A 73 27.61 14.66 -6.00
C ILE A 73 28.01 13.48 -5.09
N GLU A 74 28.02 12.26 -5.65
CA GLU A 74 28.41 11.05 -4.95
C GLU A 74 29.70 10.51 -5.53
N ALA A 75 30.58 10.04 -4.65
CA ALA A 75 31.87 9.46 -5.06
C ALA A 75 32.22 8.28 -4.18
N GLU A 76 33.04 7.36 -4.71
CA GLU A 76 33.56 6.21 -3.99
C GLU A 76 34.99 6.60 -3.61
N PRO A 77 35.28 6.91 -2.34
CA PRO A 77 36.66 7.33 -2.02
C PRO A 77 37.65 6.16 -1.96
N PRO A 78 38.89 6.35 -2.45
CA PRO A 78 39.89 5.27 -2.31
C PRO A 78 40.42 5.25 -0.88
N PHE A 79 40.95 4.09 -0.45
CA PHE A 79 41.49 3.88 0.89
C PHE A 79 42.62 4.88 1.20
N GLY A 80 42.57 5.46 2.40
CA GLY A 80 43.57 6.43 2.87
C GLY A 80 43.42 7.79 2.23
N ASN A 83 41.92 13.26 -1.40
CA ASN A 83 41.69 14.62 -1.89
C ASN A 83 40.75 14.68 -3.09
N ILE A 84 39.76 15.58 -3.03
CA ILE A 84 38.76 15.79 -4.09
C ILE A 84 38.76 17.28 -4.50
N VAL A 85 38.77 17.53 -5.82
CA VAL A 85 38.74 18.87 -6.39
C VAL A 85 37.53 19.08 -7.31
N ILE A 86 36.70 20.05 -6.95
CA ILE A 86 35.49 20.41 -7.68
C ILE A 86 35.65 21.83 -8.20
N GLY A 87 35.51 21.98 -9.52
CA GLY A 87 35.68 23.26 -10.20
C GLY A 87 37.12 23.49 -10.61
N ILE A 88 37.41 24.72 -11.10
CA ILE A 88 38.73 25.12 -11.59
C ILE A 88 39.32 26.32 -10.84
N LYS A 91 41.10 29.07 -6.79
CA LYS A 91 39.95 29.06 -5.88
C LYS A 91 38.97 27.87 -6.05
N ALA A 92 39.46 26.74 -6.61
CA ALA A 92 38.70 25.51 -6.82
C ALA A 92 38.43 24.80 -5.49
N LEU A 93 37.18 24.33 -5.28
CA LEU A 93 36.75 23.64 -4.05
C LEU A 93 37.58 22.37 -3.78
N LYS A 94 38.20 22.28 -2.58
CA LYS A 94 39.05 21.17 -2.14
C LYS A 94 38.44 20.41 -0.95
N ILE A 95 38.35 19.06 -1.07
CA ILE A 95 37.76 18.16 -0.06
C ILE A 95 38.66 16.98 0.28
N ASN A 96 38.89 16.78 1.59
CA ASN A 96 39.68 15.69 2.13
C ASN A 96 38.78 14.61 2.76
N TRP A 97 39.16 13.33 2.56
CA TRP A 97 38.43 12.19 3.12
C TRP A 97 39.39 11.12 3.67
N ASP B 1 16.02 -10.82 18.08
CA ASP B 1 15.13 -10.53 16.95
C ASP B 1 15.04 -9.03 16.67
N VAL B 2 15.36 -8.64 15.44
CA VAL B 2 15.27 -7.24 15.02
C VAL B 2 13.79 -6.82 14.92
N GLN B 3 13.41 -5.71 15.61
CA GLN B 3 12.04 -5.21 15.60
C GLN B 3 12.05 -3.69 15.52
N LEU B 4 11.15 -3.13 14.69
CA LEU B 4 10.94 -1.69 14.53
C LEU B 4 9.47 -1.47 14.84
N VAL B 5 9.20 -0.88 15.99
CA VAL B 5 7.84 -0.72 16.48
C VAL B 5 7.32 0.68 16.12
N GLU B 6 6.16 0.71 15.43
CA GLU B 6 5.47 1.92 14.99
C GLU B 6 4.01 1.90 15.48
N PRO B 7 3.42 3.07 15.83
CA PRO B 7 1.99 3.07 16.24
C PRO B 7 1.13 2.71 15.02
N GLY B 8 0.01 2.03 15.24
CA GLY B 8 -0.83 1.56 14.16
C GLY B 8 -1.47 2.63 13.29
N ALA B 9 -2.02 3.67 13.94
CA ALA B 9 -2.75 4.70 13.21
C ALA B 9 -2.70 6.07 13.84
N GLU B 10 -2.90 7.09 13.02
CA GLU B 10 -2.97 8.48 13.46
C GLU B 10 -4.05 9.16 12.63
N LEU B 11 -4.96 9.86 13.31
CA LEU B 11 -6.03 10.60 12.65
C LEU B 11 -5.77 12.06 12.95
N VAL B 12 -5.62 12.85 11.90
CA VAL B 12 -5.27 14.25 11.99
C VAL B 12 -6.08 15.11 11.03
N GLN B 13 -6.23 16.38 11.38
CA GLN B 13 -6.97 17.31 10.52
C GLN B 13 -6.08 17.97 9.47
N PRO B 14 -6.66 18.33 8.29
CA PRO B 14 -5.89 19.08 7.30
C PRO B 14 -5.28 20.35 7.92
N GLY B 15 -4.05 20.67 7.54
CA GLY B 15 -3.33 21.84 8.05
C GLY B 15 -2.55 21.60 9.33
N ALA B 16 -2.78 20.44 9.96
CA ALA B 16 -2.12 20.07 11.22
C ALA B 16 -0.76 19.41 10.98
N SER B 17 -0.12 18.96 12.04
CA SER B 17 1.14 18.22 11.93
C SER B 17 0.99 16.92 12.72
N VAL B 18 1.75 15.90 12.33
CA VAL B 18 1.75 14.62 12.99
C VAL B 18 3.21 14.18 13.21
N LYS B 19 3.50 13.57 14.36
CA LYS B 19 4.82 13.05 14.68
C LYS B 19 4.67 11.60 15.05
N MET B 20 5.38 10.74 14.34
CA MET B 20 5.30 9.28 14.57
C MET B 20 6.62 8.71 14.98
N SER B 21 6.60 7.66 15.80
CA SER B 21 7.83 7.04 16.30
C SER B 21 8.13 5.68 15.65
N CYS B 22 9.41 5.33 15.68
CA CYS B 22 9.96 4.07 15.17
C CYS B 22 10.96 3.57 16.20
N LYS B 23 10.47 2.74 17.13
CA LYS B 23 11.26 2.23 18.25
C LYS B 23 11.97 0.93 17.88
N ALA B 24 13.29 1.00 17.88
CA ALA B 24 14.15 -0.11 17.45
C ALA B 24 14.61 -0.98 18.62
N SER B 25 14.54 -2.30 18.42
CA SER B 25 15.04 -3.27 19.43
C SER B 25 15.65 -4.48 18.71
N GLY B 26 16.46 -5.24 19.44
CA GLY B 26 17.09 -6.47 18.94
C GLY B 26 18.39 -6.28 18.18
N TYR B 27 18.90 -5.05 18.16
CA TYR B 27 20.18 -4.73 17.51
C TYR B 27 20.69 -3.39 18.07
N THR B 28 21.95 -3.05 17.73
CA THR B 28 22.56 -1.80 18.17
C THR B 28 22.07 -0.68 17.25
N PHE B 29 21.20 0.18 17.79
CA PHE B 29 20.57 1.29 17.09
C PHE B 29 21.54 2.22 16.37
N SER B 30 22.67 2.51 17.03
CA SER B 30 23.68 3.42 16.51
C SER B 30 24.57 2.83 15.41
N SER B 31 24.41 1.51 15.10
CA SER B 31 25.24 0.85 14.08
C SER B 31 24.58 0.75 12.69
N TYR B 32 23.29 1.09 12.58
CA TYR B 32 22.56 0.93 11.30
C TYR B 32 21.76 2.16 10.94
N TRP B 33 21.48 2.29 9.64
CA TRP B 33 20.63 3.35 9.11
C TRP B 33 19.16 2.95 9.29
N ILE B 34 18.29 3.97 9.34
CA ILE B 34 16.85 3.79 9.36
C ILE B 34 16.31 4.53 8.14
N ASN B 35 15.43 3.86 7.39
CA ASN B 35 14.79 4.46 6.20
C ASN B 35 13.34 4.74 6.50
N TRP B 36 12.79 5.76 5.85
CA TRP B 36 11.37 6.10 5.98
C TRP B 36 10.75 6.07 4.60
N GLU B 37 9.58 5.41 4.50
CA GLU B 37 8.87 5.21 3.25
C GLU B 37 7.41 5.61 3.39
N LYS B 38 6.80 6.07 2.27
CA LYS B 38 5.38 6.42 2.15
C LYS B 38 4.75 5.44 1.15
N GLN B 39 3.61 4.90 1.50
CA GLN B 39 2.88 4.03 0.60
C GLN B 39 1.39 4.41 0.59
N ARG B 40 0.91 4.93 -0.55
CA ARG B 40 -0.51 5.28 -0.75
C ARG B 40 -1.14 4.07 -1.48
N PRO B 41 -2.43 3.71 -1.22
CA PRO B 41 -3.02 2.56 -1.92
C PRO B 41 -2.92 2.62 -3.45
N GLY B 42 -2.53 1.49 -4.05
CA GLY B 42 -2.37 1.32 -5.49
C GLY B 42 -1.42 2.31 -6.11
N LYS B 43 -0.38 2.70 -5.33
CA LYS B 43 0.62 3.68 -5.74
C LYS B 43 2.03 3.18 -5.47
N GLY B 44 2.98 3.73 -6.22
CA GLY B 44 4.38 3.36 -6.09
C GLY B 44 4.94 3.83 -4.76
N LEU B 45 5.67 2.93 -4.05
CA LEU B 45 6.30 3.27 -2.78
C LEU B 45 7.27 4.39 -3.01
N GLU B 46 7.42 5.28 -2.04
CA GLU B 46 8.37 6.38 -2.14
C GLU B 46 9.26 6.39 -0.93
N TRP B 47 10.53 6.70 -1.17
CA TRP B 47 11.54 6.84 -0.14
C TRP B 47 11.56 8.31 0.29
N ILE B 48 11.26 8.56 1.56
CA ILE B 48 11.19 9.92 2.10
C ILE B 48 12.63 10.38 2.46
N GLY B 49 13.37 9.50 3.10
CA GLY B 49 14.74 9.76 3.52
C GLY B 49 15.30 8.72 4.45
N ASN B 50 16.49 9.02 4.98
CA ASN B 50 17.19 8.13 5.92
C ASN B 50 17.90 8.92 7.00
N ILE B 51 18.30 8.20 8.03
CA ILE B 51 18.93 8.76 9.20
C ILE B 51 19.91 7.76 9.74
N TYR B 52 21.07 8.25 10.20
CA TYR B 52 22.10 7.42 10.82
C TYR B 52 22.29 7.83 12.29
N PRO B 53 21.64 7.08 13.21
CA PRO B 53 21.77 7.40 14.66
C PRO B 53 23.19 7.47 15.22
N GLY B 54 24.11 6.69 14.65
CA GLY B 54 25.50 6.67 15.12
C GLY B 54 26.27 7.96 14.86
N SER B 55 25.83 8.76 13.88
CA SER B 55 26.47 10.03 13.49
C SER B 55 25.57 11.26 13.47
N GLY B 56 24.27 11.03 13.42
CA GLY B 56 23.25 12.09 13.32
C GLY B 56 22.94 12.53 11.89
N THR B 57 23.54 11.85 10.90
CA THR B 57 23.33 12.15 9.48
C THR B 57 21.87 11.98 9.09
N VAL B 58 21.32 12.98 8.37
CA VAL B 58 19.96 12.97 7.85
C VAL B 58 20.02 13.30 6.34
N ASN B 59 19.35 12.48 5.49
CA ASN B 59 19.21 12.73 4.07
C ASN B 59 17.75 12.70 3.71
N TYR B 60 17.30 13.73 2.97
CA TYR B 60 15.92 13.79 2.53
C TYR B 60 15.84 13.58 1.03
N ASP B 61 14.77 12.89 0.59
CA ASP B 61 14.39 12.88 -0.81
C ASP B 61 13.94 14.37 -0.98
N ASP B 62 14.47 15.10 -2.00
CA ASP B 62 14.10 16.49 -2.25
C ASP B 62 12.58 16.71 -2.34
N LYS B 63 11.83 15.70 -2.85
CA LYS B 63 10.35 15.74 -2.94
C LYS B 63 9.63 15.90 -1.55
N PHE B 64 10.29 15.51 -0.46
CA PHE B 64 9.76 15.58 0.91
C PHE B 64 10.43 16.61 1.82
N LYS B 65 11.37 17.42 1.29
CA LYS B 65 12.04 18.43 2.12
C LYS B 65 11.04 19.46 2.72
N SER B 66 9.95 19.74 2.02
CA SER B 66 8.99 20.74 2.49
C SER B 66 7.86 20.10 3.35
N LYS B 67 7.91 18.77 3.53
CA LYS B 67 6.89 17.97 4.21
C LYS B 67 7.36 17.29 5.48
N ALA B 68 8.51 16.60 5.41
CA ALA B 68 9.01 15.78 6.49
C ALA B 68 10.17 16.34 7.27
N THR B 69 10.20 16.03 8.57
CA THR B 69 11.30 16.35 9.47
C THR B 69 11.71 15.04 10.17
N LEU B 70 12.98 14.62 9.97
CA LEU B 70 13.48 13.39 10.62
C LEU B 70 14.36 13.74 11.82
N THR B 71 14.10 13.11 12.97
CA THR B 71 14.88 13.30 14.22
C THR B 71 15.19 11.94 14.90
N ILE B 72 16.07 11.96 15.91
CA ILE B 72 16.43 10.73 16.66
C ILE B 72 16.65 10.98 18.14
N ASP B 73 16.49 9.91 18.92
CA ASP B 73 16.78 9.94 20.34
C ASP B 73 17.46 8.65 20.64
N THR B 74 18.81 8.69 20.62
CA THR B 74 19.66 7.53 20.91
C THR B 74 19.39 6.95 22.30
N SER B 75 19.04 7.79 23.31
CA SER B 75 18.74 7.32 24.67
C SER B 75 17.56 6.33 24.77
N SER B 76 16.57 6.45 23.86
CA SER B 76 15.37 5.61 23.85
C SER B 76 15.34 4.70 22.59
N ASN B 77 16.46 4.68 21.81
CA ASN B 77 16.57 3.89 20.55
C ASN B 77 15.37 4.16 19.63
N THR B 78 14.98 5.45 19.52
CA THR B 78 13.81 5.80 18.72
C THR B 78 14.13 6.81 17.62
N ALA B 79 13.54 6.59 16.44
CA ALA B 79 13.62 7.52 15.31
C ALA B 79 12.22 8.09 15.15
N TYR B 80 12.13 9.36 14.79
CA TYR B 80 10.82 9.99 14.61
C TYR B 80 10.71 10.66 13.26
N MET B 81 9.48 10.72 12.77
CA MET B 81 9.20 11.45 11.56
C MET B 81 8.00 12.36 11.82
N GLN B 82 8.18 13.63 11.53
CA GLN B 82 7.13 14.62 11.62
C GLN B 82 6.73 15.03 10.20
N LEU B 83 5.41 15.06 9.95
CA LEU B 83 4.84 15.51 8.68
C LEU B 83 4.00 16.73 9.02
N SER B 84 4.25 17.82 8.31
CA SER B 84 3.58 19.08 8.60
C SER B 84 2.83 19.66 7.41
N SER B 85 1.94 20.66 7.69
CA SER B 85 1.03 21.29 6.73
C SER B 85 0.25 20.18 6.00
N LEU B 86 -0.33 19.28 6.81
CA LEU B 86 -0.98 18.08 6.29
C LEU B 86 -2.13 18.32 5.34
N THR B 87 -2.21 17.51 4.27
CA THR B 87 -3.32 17.57 3.29
C THR B 87 -3.78 16.11 3.07
N SER B 88 -4.88 15.88 2.30
CA SER B 88 -5.35 14.52 1.99
C SER B 88 -4.28 13.70 1.24
N GLU B 89 -3.37 14.37 0.51
CA GLU B 89 -2.28 13.72 -0.26
C GLU B 89 -1.31 13.03 0.72
N ASP B 90 -1.29 13.48 2.00
CA ASP B 90 -0.44 12.87 3.03
C ASP B 90 -1.08 11.64 3.70
N SER B 91 -2.37 11.34 3.41
CA SER B 91 -3.02 10.14 3.92
C SER B 91 -2.35 8.92 3.25
N ALA B 92 -1.69 8.09 4.06
CA ALA B 92 -0.89 6.98 3.56
C ALA B 92 -0.38 6.14 4.73
N VAL B 93 0.22 5.00 4.43
CA VAL B 93 0.90 4.17 5.42
C VAL B 93 2.38 4.56 5.33
N TYR B 94 2.95 4.93 6.49
CA TYR B 94 4.36 5.32 6.58
C TYR B 94 5.14 4.25 7.29
N TYR B 95 6.14 3.72 6.61
CA TYR B 95 6.98 2.62 7.15
C TYR B 95 8.33 3.14 7.52
N CYS B 96 8.88 2.60 8.63
CA CYS B 96 10.30 2.78 8.87
C CYS B 96 10.90 1.41 8.59
N THR B 97 12.20 1.38 8.28
CA THR B 97 12.88 0.09 8.05
C THR B 97 14.33 0.27 8.52
N ARG B 98 15.02 -0.82 8.87
CA ARG B 98 16.44 -0.75 9.15
C ARG B 98 17.13 -0.81 7.77
N GLY B 99 18.28 -0.16 7.63
CA GLY B 99 19.00 -0.15 6.36
C GLY B 99 20.47 -0.53 6.41
N GLY B 100 21.21 -0.07 5.41
CA GLY B 100 22.63 -0.36 5.27
C GLY B 100 22.96 -0.71 3.84
N SER B 101 24.10 -1.40 3.64
CA SER B 101 24.62 -1.77 2.31
C SER B 101 23.70 -2.66 1.46
N HIS B 102 22.76 -3.40 2.10
CA HIS B 102 21.82 -4.29 1.43
C HIS B 102 20.43 -3.64 1.31
N ALA B 103 20.32 -2.32 1.61
CA ALA B 103 19.09 -1.53 1.59
C ALA B 103 18.10 -1.95 2.72
N MET B 104 16.78 -1.71 2.56
CA MET B 104 15.77 -2.04 3.59
C MET B 104 15.78 -3.54 3.93
N ASP B 105 16.04 -3.89 5.19
CA ASP B 105 15.99 -5.32 5.53
C ASP B 105 14.73 -5.67 6.28
N TYR B 106 14.59 -5.17 7.52
CA TYR B 106 13.42 -5.39 8.38
C TYR B 106 12.61 -4.12 8.31
N TRP B 107 11.29 -4.25 8.16
CA TRP B 107 10.38 -3.12 8.04
C TRP B 107 9.47 -3.10 9.27
N GLY B 108 9.05 -1.91 9.71
CA GLY B 108 8.07 -1.78 10.77
C GLY B 108 6.68 -2.15 10.24
N GLN B 109 5.66 -2.24 11.13
CA GLN B 109 4.30 -2.59 10.65
C GLN B 109 3.61 -1.44 9.93
N GLY B 110 4.20 -0.26 10.01
CA GLY B 110 3.67 0.92 9.35
C GLY B 110 2.66 1.67 10.19
N THR B 111 2.63 3.00 10.01
CA THR B 111 1.67 3.88 10.69
C THR B 111 0.70 4.39 9.63
N SER B 112 -0.58 4.07 9.78
CA SER B 112 -1.60 4.51 8.84
C SER B 112 -2.10 5.88 9.27
N VAL B 113 -1.77 6.89 8.49
CA VAL B 113 -2.14 8.28 8.76
C VAL B 113 -3.35 8.64 7.91
N THR B 114 -4.45 9.05 8.55
CA THR B 114 -5.61 9.58 7.86
C THR B 114 -5.65 11.10 8.11
N VAL B 115 -5.67 11.91 7.01
CA VAL B 115 -5.79 13.35 7.08
C VAL B 115 -7.22 13.69 6.66
N SER B 116 -8.05 14.17 7.58
CA SER B 116 -9.48 14.41 7.26
C SER B 116 -10.10 15.33 8.26
N SER B 117 -11.10 16.12 7.80
CA SER B 117 -11.87 17.01 8.65
C SER B 117 -13.10 16.23 9.18
N ALA B 118 -13.32 14.96 8.71
CA ALA B 118 -14.44 14.12 9.17
C ALA B 118 -14.39 13.89 10.70
N LYS B 119 -15.56 13.77 11.32
CA LYS B 119 -15.65 13.53 12.75
C LYS B 119 -15.71 12.04 13.02
N THR B 120 -15.03 11.58 14.10
CA THR B 120 -15.13 10.20 14.58
C THR B 120 -16.62 9.91 14.76
N THR B 121 -17.09 8.84 14.10
CA THR B 121 -18.51 8.49 14.06
C THR B 121 -18.70 6.98 14.21
N PRO B 122 -19.62 6.50 15.08
CA PRO B 122 -19.82 5.05 15.19
C PRO B 122 -20.65 4.50 14.03
N PRO B 123 -20.46 3.24 13.63
CA PRO B 123 -21.26 2.73 12.51
C PRO B 123 -22.69 2.39 12.90
N SER B 124 -23.58 2.46 11.90
CA SER B 124 -24.94 1.95 11.96
C SER B 124 -24.76 0.51 11.43
N VAL B 125 -25.24 -0.50 12.15
CA VAL B 125 -25.07 -1.91 11.74
C VAL B 125 -26.45 -2.47 11.27
N TYR B 126 -26.52 -2.90 10.02
CA TYR B 126 -27.76 -3.44 9.43
C TYR B 126 -27.67 -4.91 9.09
N PRO B 127 -28.67 -5.73 9.49
CA PRO B 127 -28.64 -7.15 9.09
C PRO B 127 -29.01 -7.30 7.63
N LEU B 128 -28.39 -8.28 6.98
CA LEU B 128 -28.66 -8.65 5.58
C LEU B 128 -29.13 -10.10 5.60
N ALA B 129 -30.46 -10.27 5.54
CA ALA B 129 -31.14 -11.56 5.56
C ALA B 129 -31.95 -11.69 4.29
N PRO B 130 -32.04 -12.91 3.70
CA PRO B 130 -32.82 -13.04 2.45
C PRO B 130 -34.28 -12.60 2.61
N GLY B 131 -34.83 -12.06 1.53
CA GLY B 131 -36.22 -11.62 1.47
C GLY B 131 -37.18 -12.78 1.33
N SER B 138 -27.43 -27.34 0.21
CA SER B 138 -28.04 -26.02 0.27
C SER B 138 -27.38 -25.17 1.34
N SER B 139 -26.86 -24.02 0.91
CA SER B 139 -26.20 -23.07 1.78
C SER B 139 -26.96 -21.75 1.73
N VAL B 140 -26.89 -21.01 2.82
CA VAL B 140 -27.52 -19.71 2.89
C VAL B 140 -26.45 -18.64 3.14
N THR B 141 -26.48 -17.56 2.36
CA THR B 141 -25.55 -16.46 2.57
C THR B 141 -26.29 -15.36 3.36
N LEU B 142 -25.63 -14.84 4.41
CA LEU B 142 -26.13 -13.78 5.26
C LEU B 142 -25.08 -12.69 5.30
N GLY B 143 -25.43 -11.53 5.79
CA GLY B 143 -24.44 -10.48 5.88
C GLY B 143 -24.77 -9.41 6.89
N CYS B 144 -23.87 -8.46 7.04
CA CYS B 144 -24.10 -7.25 7.82
C CYS B 144 -23.51 -6.08 7.09
N LEU B 145 -24.29 -5.01 7.03
CA LEU B 145 -23.87 -3.77 6.40
C LEU B 145 -23.50 -2.84 7.54
N VAL B 146 -22.29 -2.31 7.44
CA VAL B 146 -21.67 -1.47 8.47
C VAL B 146 -21.45 -0.12 7.80
N LYS B 147 -22.34 0.81 8.11
CA LYS B 147 -22.46 2.07 7.40
C LYS B 147 -22.30 3.33 8.25
N GLY B 148 -21.65 4.32 7.64
CA GLY B 148 -21.47 5.67 8.17
C GLY B 148 -20.55 5.84 9.33
N TYR B 149 -19.43 5.11 9.35
CA TYR B 149 -18.44 5.23 10.43
C TYR B 149 -17.21 6.00 10.03
N PHE B 150 -16.42 6.45 11.04
CA PHE B 150 -15.16 7.14 10.82
C PHE B 150 -14.31 7.15 12.12
N PRO B 151 -12.99 6.91 12.03
CA PRO B 151 -12.21 6.58 10.82
C PRO B 151 -12.18 5.06 10.65
N GLU B 152 -11.31 4.56 9.76
CA GLU B 152 -11.07 3.14 9.63
C GLU B 152 -10.31 2.76 10.95
N SER B 153 -10.50 1.54 11.48
CA SER B 153 -11.23 0.46 10.83
C SER B 153 -12.20 -0.25 11.77
N VAL B 154 -12.87 -1.26 11.25
CA VAL B 154 -13.87 -2.04 11.97
C VAL B 154 -13.52 -3.51 11.81
N THR B 155 -14.10 -4.34 12.64
CA THR B 155 -14.00 -5.80 12.54
C THR B 155 -15.40 -6.30 12.63
N VAL B 156 -15.74 -7.30 11.82
CA VAL B 156 -17.05 -7.96 11.83
C VAL B 156 -16.78 -9.42 12.16
N THR B 157 -17.31 -9.91 13.29
CA THR B 157 -17.05 -11.27 13.77
C THR B 157 -18.37 -12.06 13.78
N TRP B 158 -18.36 -13.26 13.17
CA TRP B 158 -19.56 -14.09 13.06
C TRP B 158 -19.59 -15.21 14.09
N ASN B 159 -20.59 -15.17 15.01
CA ASN B 159 -20.81 -16.11 16.11
C ASN B 159 -19.64 -16.24 17.07
N SER B 160 -19.15 -15.09 17.60
CA SER B 160 -18.02 -15.04 18.55
C SER B 160 -16.76 -15.73 17.98
N GLY B 161 -16.63 -15.63 16.65
CA GLY B 161 -15.53 -16.15 15.85
C GLY B 161 -15.58 -17.63 15.56
N SER B 162 -16.78 -18.24 15.61
CA SER B 162 -16.96 -19.67 15.34
C SER B 162 -17.18 -19.93 13.85
N LEU B 163 -17.73 -18.90 13.15
CA LEU B 163 -18.06 -18.93 11.73
C LEU B 163 -17.02 -18.25 10.85
N VAL B 167 -16.48 -16.73 5.34
CA VAL B 167 -16.66 -15.28 5.47
C VAL B 167 -15.84 -14.42 4.48
N HIS B 168 -16.48 -13.35 3.97
CA HIS B 168 -15.84 -12.37 3.11
C HIS B 168 -15.96 -11.02 3.77
N THR B 169 -14.84 -10.29 3.84
CA THR B 169 -14.83 -8.96 4.39
C THR B 169 -14.67 -8.05 3.18
N PHE B 170 -15.62 -7.16 2.93
CA PHE B 170 -15.50 -6.26 1.80
C PHE B 170 -14.77 -4.94 2.17
N PRO B 171 -13.68 -4.57 1.44
CA PRO B 171 -12.99 -3.30 1.75
C PRO B 171 -13.94 -2.11 1.80
N ALA B 172 -13.77 -1.25 2.80
CA ALA B 172 -14.58 -0.05 2.97
C ALA B 172 -14.46 0.91 1.81
N LEU B 173 -15.57 1.60 1.53
CA LEU B 173 -15.66 2.67 0.53
C LEU B 173 -16.14 3.93 1.24
N LEU B 174 -15.79 5.09 0.70
CA LEU B 174 -16.21 6.40 1.20
C LEU B 174 -17.54 6.79 0.59
N GLN B 175 -18.49 7.20 1.43
CA GLN B 175 -19.87 7.55 1.11
C GLN B 175 -20.39 8.45 2.28
N SER B 176 -20.02 9.76 2.40
CA SER B 176 -19.13 10.69 1.69
C SER B 176 -18.49 11.46 2.87
N GLY B 177 -17.24 11.17 3.17
CA GLY B 177 -16.64 11.67 4.38
C GLY B 177 -16.93 10.69 5.51
N LEU B 178 -17.62 9.55 5.18
CA LEU B 178 -17.89 8.41 6.08
C LEU B 178 -17.70 7.07 5.35
N TYR B 179 -17.22 6.06 6.08
CA TYR B 179 -17.00 4.75 5.48
C TYR B 179 -18.22 3.84 5.55
N THR B 180 -18.32 2.92 4.58
CA THR B 180 -19.32 1.87 4.53
C THR B 180 -18.60 0.58 4.10
N MET B 181 -18.82 -0.49 4.85
CA MET B 181 -18.27 -1.79 4.49
C MET B 181 -19.36 -2.85 4.70
N SER B 182 -19.13 -4.06 4.18
CA SER B 182 -20.04 -5.20 4.45
C SER B 182 -19.23 -6.46 4.66
N SER B 183 -19.87 -7.47 5.29
CA SER B 183 -19.29 -8.77 5.53
C SER B 183 -20.38 -9.77 5.21
N SER B 184 -20.01 -10.85 4.54
CA SER B 184 -20.91 -11.97 4.26
C SER B 184 -20.37 -13.22 4.94
N VAL B 185 -21.29 -14.10 5.26
CA VAL B 185 -21.04 -15.41 5.85
C VAL B 185 -21.98 -16.41 5.13
N THR B 186 -21.49 -17.63 4.86
CA THR B 186 -22.25 -18.66 4.18
C THR B 186 -22.29 -19.87 5.14
N VAL B 187 -23.50 -20.33 5.44
CA VAL B 187 -23.70 -21.43 6.40
C VAL B 187 -24.63 -22.49 5.78
N PRO B 188 -24.59 -23.76 6.23
CA PRO B 188 -25.58 -24.73 5.71
C PRO B 188 -26.97 -24.31 6.20
N SER B 189 -27.97 -24.45 5.31
CA SER B 189 -29.37 -24.15 5.56
C SER B 189 -29.96 -24.91 6.78
N SER B 190 -29.23 -25.93 7.32
CA SER B 190 -29.62 -26.71 8.48
C SER B 190 -29.23 -26.02 9.78
N THR B 191 -28.21 -25.14 9.74
CA THR B 191 -27.79 -24.42 10.95
C THR B 191 -28.61 -23.14 11.20
N TRP B 192 -29.05 -22.46 10.11
CA TRP B 192 -29.83 -21.22 10.14
C TRP B 192 -31.13 -21.42 9.35
N PRO B 193 -32.31 -20.95 9.83
CA PRO B 193 -32.54 -20.16 11.04
C PRO B 193 -32.68 -20.93 12.36
N SER B 194 -32.54 -22.28 12.32
CA SER B 194 -32.66 -23.16 13.51
C SER B 194 -31.76 -22.70 14.68
N GLN B 195 -30.51 -22.27 14.36
CA GLN B 195 -29.58 -21.73 15.35
C GLN B 195 -29.28 -20.28 15.05
N THR B 196 -28.93 -19.54 16.09
CA THR B 196 -28.62 -18.12 16.03
C THR B 196 -27.34 -17.87 15.22
N VAL B 197 -27.40 -16.86 14.33
CA VAL B 197 -26.26 -16.33 13.55
C VAL B 197 -26.24 -14.86 13.90
N THR B 198 -25.12 -14.41 14.48
CA THR B 198 -24.94 -13.02 14.90
C THR B 198 -23.63 -12.44 14.35
N CYS B 199 -23.68 -11.17 13.92
CA CYS B 199 -22.49 -10.44 13.51
C CYS B 199 -22.20 -9.47 14.66
N SER B 200 -20.95 -9.48 15.13
CA SER B 200 -20.43 -8.62 16.18
C SER B 200 -19.51 -7.60 15.49
N VAL B 201 -19.89 -6.32 15.55
CA VAL B 201 -19.17 -5.24 14.89
C VAL B 201 -18.50 -4.32 15.90
N ALA B 202 -17.18 -4.28 15.87
CA ALA B 202 -16.43 -3.41 16.77
C ALA B 202 -15.74 -2.27 16.03
N HIS B 203 -15.89 -1.05 16.54
CA HIS B 203 -15.26 0.18 16.03
C HIS B 203 -14.46 0.80 17.19
N PRO B 204 -13.20 0.34 17.41
CA PRO B 204 -12.41 0.86 18.55
C PRO B 204 -12.40 2.39 18.72
N ALA B 205 -12.33 3.13 17.59
CA ALA B 205 -12.24 4.60 17.63
C ALA B 205 -13.41 5.27 18.35
N SER B 206 -14.63 4.71 18.24
CA SER B 206 -15.85 5.25 18.84
C SER B 206 -16.28 4.53 20.12
N SER B 207 -15.45 3.57 20.60
CA SER B 207 -15.67 2.73 21.79
C SER B 207 -16.98 1.92 21.67
N THR B 208 -17.29 1.48 20.44
CA THR B 208 -18.53 0.73 20.19
C THR B 208 -18.38 -0.73 19.79
N THR B 209 -19.39 -1.50 20.22
CA THR B 209 -19.56 -2.91 19.91
C THR B 209 -21.05 -3.14 19.80
N VAL B 210 -21.47 -3.55 18.61
CA VAL B 210 -22.86 -3.77 18.27
C VAL B 210 -23.01 -5.17 17.71
N ASP B 211 -23.98 -5.92 18.25
CA ASP B 211 -24.36 -7.26 17.81
C ASP B 211 -25.69 -7.17 17.09
N LYS B 212 -25.80 -7.86 15.95
CA LYS B 212 -27.05 -7.95 15.20
C LYS B 212 -27.32 -9.41 14.92
N LYS B 213 -28.44 -9.90 15.46
CA LYS B 213 -28.86 -11.28 15.27
C LYS B 213 -29.56 -11.31 13.93
N LEU B 214 -29.20 -12.27 13.06
CA LEU B 214 -29.83 -12.34 11.73
C LEU B 214 -31.17 -13.06 11.87
N GLU B 215 -32.26 -12.41 11.45
CA GLU B 215 -33.62 -12.97 11.54
C GLU B 215 -34.15 -13.35 10.17
N PRO B 216 -34.88 -14.49 10.02
CA PRO B 216 -35.43 -14.83 8.69
C PRO B 216 -36.58 -13.89 8.27
N ARG B 217 -36.79 -13.76 6.93
CA ARG B 217 -37.77 -12.93 6.18
C ARG B 217 -37.19 -11.64 5.62
N ASP C 1 16.62 11.87 -10.96
CA ASP C 1 16.44 10.65 -10.18
C ASP C 1 16.39 9.45 -11.09
N ILE C 2 16.68 8.27 -10.52
CA ILE C 2 16.63 7.00 -11.26
C ILE C 2 15.21 6.48 -11.22
N VAL C 3 14.68 6.09 -12.41
CA VAL C 3 13.32 5.50 -12.56
C VAL C 3 13.43 3.97 -12.65
N MET C 4 12.73 3.27 -11.77
CA MET C 4 12.70 1.81 -11.78
C MET C 4 11.37 1.40 -12.38
N THR C 5 11.39 0.81 -13.59
CA THR C 5 10.16 0.45 -14.26
C THR C 5 9.83 -1.03 -14.16
N GLN C 6 8.66 -1.29 -13.60
CA GLN C 6 8.08 -2.63 -13.56
C GLN C 6 6.88 -2.53 -14.51
N SER C 7 7.07 -2.89 -15.78
CA SER C 7 6.06 -2.73 -16.84
C SER C 7 4.80 -3.55 -16.64
N GLN C 8 4.93 -4.68 -15.98
CA GLN C 8 3.77 -5.52 -15.75
C GLN C 8 3.11 -5.22 -14.42
N LYS C 9 1.95 -4.54 -14.45
CA LYS C 9 1.18 -4.23 -13.24
C LYS C 9 0.62 -5.53 -12.63
N PHE C 10 0.25 -6.50 -13.50
CA PHE C 10 -0.31 -7.80 -13.08
C PHE C 10 0.34 -8.92 -13.86
N MET C 11 0.55 -10.06 -13.20
CA MET C 11 1.07 -11.27 -13.84
C MET C 11 0.22 -12.43 -13.35
N SER C 12 -0.31 -13.24 -14.28
CA SER C 12 -1.18 -14.33 -13.90
C SER C 12 -0.41 -15.64 -14.11
N THR C 13 -0.37 -16.52 -13.11
CA THR C 13 0.40 -17.76 -13.19
C THR C 13 -0.34 -18.94 -12.58
N SER C 14 -0.27 -20.10 -13.25
CA SER C 14 -0.88 -21.32 -12.73
C SER C 14 -0.02 -21.82 -11.60
N VAL C 15 -0.64 -22.53 -10.66
CA VAL C 15 0.06 -23.20 -9.54
C VAL C 15 1.08 -24.19 -10.20
N GLY C 16 2.33 -24.18 -9.73
CA GLY C 16 3.39 -25.07 -10.20
C GLY C 16 4.25 -24.53 -11.32
N ASP C 17 3.82 -23.42 -11.95
CA ASP C 17 4.56 -22.79 -13.03
C ASP C 17 5.65 -21.85 -12.52
N ARG C 18 6.49 -21.36 -13.45
CA ARG C 18 7.52 -20.36 -13.14
C ARG C 18 7.02 -19.01 -13.64
N VAL C 19 7.33 -17.94 -12.91
CA VAL C 19 6.99 -16.58 -13.30
C VAL C 19 8.25 -15.70 -13.19
N SER C 20 8.50 -14.81 -14.19
CA SER C 20 9.64 -13.88 -14.16
C SER C 20 9.10 -12.45 -14.16
N ILE C 21 9.43 -11.68 -13.12
CA ILE C 21 8.98 -10.30 -12.92
C ILE C 21 10.18 -9.40 -13.22
N THR C 22 10.00 -8.49 -14.15
CA THR C 22 11.08 -7.62 -14.62
C THR C 22 11.08 -6.24 -13.96
N CYS C 23 12.27 -5.70 -13.83
CA CYS C 23 12.52 -4.40 -13.26
C CYS C 23 13.64 -3.78 -14.08
N LYS C 24 13.32 -2.66 -14.74
CA LYS C 24 14.22 -1.94 -15.65
C LYS C 24 14.61 -0.60 -15.05
N ALA C 25 15.93 -0.38 -14.83
CA ALA C 25 16.43 0.89 -14.31
C ALA C 25 16.70 1.92 -15.46
N SER C 26 16.41 3.23 -15.22
CA SER C 26 16.63 4.28 -16.24
C SER C 26 18.13 4.59 -16.51
N GLN C 27 19.02 4.11 -15.62
CA GLN C 27 20.47 4.20 -15.76
C GLN C 27 21.12 3.05 -14.99
N ASN C 28 22.43 2.83 -15.21
CA ASN C 28 23.19 1.74 -14.61
C ASN C 28 23.27 1.81 -13.08
N VAL C 29 22.68 0.80 -12.42
CA VAL C 29 22.65 0.74 -10.95
C VAL C 29 23.52 -0.44 -10.45
N ARG C 30 24.36 -0.98 -11.36
CA ARG C 30 25.25 -2.11 -11.09
C ARG C 30 24.42 -3.28 -10.53
N THR C 31 24.63 -3.69 -9.29
CA THR C 31 23.88 -4.78 -8.67
C THR C 31 23.13 -4.26 -7.42
N SER C 32 23.00 -2.93 -7.25
CA SER C 32 22.33 -2.33 -6.08
C SER C 32 20.81 -2.31 -6.25
N VAL C 33 20.22 -3.50 -6.30
CA VAL C 33 18.78 -3.73 -6.45
C VAL C 33 18.33 -4.79 -5.46
N ALA C 34 17.28 -4.46 -4.73
CA ALA C 34 16.62 -5.31 -3.74
C ALA C 34 15.21 -5.64 -4.24
N TRP C 35 14.67 -6.80 -3.84
CA TRP C 35 13.30 -7.21 -4.20
C TRP C 35 12.56 -7.50 -2.94
N TYR C 36 11.33 -7.00 -2.86
CA TYR C 36 10.46 -7.20 -1.70
C TYR C 36 9.16 -7.87 -2.09
N GLN C 37 8.57 -8.62 -1.16
CA GLN C 37 7.26 -9.24 -1.28
C GLN C 37 6.34 -8.53 -0.28
N GLN C 38 5.14 -8.17 -0.74
CA GLN C 38 4.13 -7.59 0.11
C GLN C 38 2.75 -8.20 -0.09
N LYS C 39 2.26 -8.83 0.94
CA LYS C 39 0.91 -9.40 0.93
C LYS C 39 -0.08 -8.36 1.52
N PRO C 40 -1.40 -8.41 1.19
CA PRO C 40 -2.32 -7.38 1.74
C PRO C 40 -2.37 -7.34 3.27
N GLY C 41 -2.33 -6.13 3.80
CA GLY C 41 -2.36 -5.89 5.25
C GLY C 41 -1.07 -6.20 5.96
N GLN C 42 0.00 -6.47 5.18
CA GLN C 42 1.30 -6.76 5.76
C GLN C 42 2.35 -5.79 5.29
N SER C 43 3.43 -5.71 6.06
CA SER C 43 4.59 -4.91 5.71
C SER C 43 5.37 -5.68 4.68
N PRO C 44 6.19 -4.99 3.85
CA PRO C 44 7.04 -5.71 2.89
C PRO C 44 8.06 -6.58 3.62
N LYS C 45 8.37 -7.70 2.97
CA LYS C 45 9.37 -8.67 3.41
C LYS C 45 10.51 -8.71 2.40
N ALA C 46 11.75 -8.59 2.92
CA ALA C 46 12.95 -8.62 2.08
C ALA C 46 13.17 -10.04 1.50
N LEU C 47 13.26 -10.13 0.15
CA LEU C 47 13.51 -11.45 -0.52
C LEU C 47 14.95 -11.57 -1.00
N ILE C 48 15.38 -10.57 -1.80
CA ILE C 48 16.65 -10.53 -2.52
C ILE C 48 17.40 -9.23 -2.22
N TYR C 49 18.70 -9.35 -1.97
CA TYR C 49 19.61 -8.21 -1.78
C TYR C 49 20.72 -8.25 -2.83
N LEU C 50 21.22 -7.07 -3.20
CA LEU C 50 22.28 -6.93 -4.23
C LEU C 50 22.02 -7.78 -5.48
N ALA C 51 20.80 -7.63 -6.03
CA ALA C 51 20.31 -8.25 -7.25
C ALA C 51 20.16 -9.77 -7.28
N SER C 52 21.07 -10.53 -6.65
CA SER C 52 21.02 -12.00 -6.77
C SER C 52 21.13 -12.81 -5.47
N ASN C 53 21.26 -12.13 -4.34
CA ASN C 53 21.42 -12.84 -3.08
C ASN C 53 20.10 -13.02 -2.34
N ARG C 54 19.80 -14.27 -2.03
CA ARG C 54 18.59 -14.61 -1.28
C ARG C 54 18.79 -14.32 0.21
N HIS C 55 17.81 -13.65 0.84
CA HIS C 55 17.91 -13.41 2.29
C HIS C 55 17.76 -14.73 3.06
N THR C 56 18.40 -14.84 4.22
CA THR C 56 18.29 -16.06 5.04
C THR C 56 16.80 -16.32 5.36
N GLY C 57 16.38 -17.57 5.20
CA GLY C 57 15.01 -17.97 5.45
C GLY C 57 14.08 -17.90 4.25
N VAL C 58 14.49 -17.20 3.18
CA VAL C 58 13.68 -17.07 1.96
C VAL C 58 13.77 -18.40 1.18
N PRO C 59 12.64 -19.01 0.74
CA PRO C 59 12.73 -20.27 -0.03
C PRO C 59 13.58 -20.17 -1.30
N ASP C 60 14.19 -21.28 -1.71
CA ASP C 60 15.06 -21.33 -2.90
C ASP C 60 14.28 -21.19 -4.21
N ARG C 61 12.94 -21.18 -4.13
CA ARG C 61 12.03 -20.97 -5.26
C ARG C 61 12.16 -19.53 -5.79
N PHE C 62 12.67 -18.59 -4.94
CA PHE C 62 12.81 -17.18 -5.32
C PHE C 62 14.23 -16.92 -5.78
N THR C 63 14.39 -16.41 -7.01
CA THR C 63 15.73 -16.12 -7.54
C THR C 63 15.78 -14.74 -8.13
N GLY C 64 16.83 -14.00 -7.77
CA GLY C 64 17.07 -12.69 -8.34
C GLY C 64 18.20 -12.77 -9.36
N SER C 65 18.09 -12.04 -10.48
CA SER C 65 19.11 -12.00 -11.52
C SER C 65 19.18 -10.63 -12.19
N GLY C 66 20.31 -10.39 -12.86
CA GLY C 66 20.55 -9.16 -13.58
C GLY C 66 21.57 -8.22 -12.96
N SER C 67 22.01 -7.26 -13.76
CA SER C 67 22.99 -6.23 -13.40
C SER C 67 22.83 -5.11 -14.42
N GLY C 68 23.35 -3.92 -14.08
CA GLY C 68 23.26 -2.77 -14.97
C GLY C 68 21.87 -2.16 -14.91
N THR C 69 21.05 -2.45 -15.92
CA THR C 69 19.69 -1.91 -16.00
C THR C 69 18.57 -2.96 -16.00
N ASP C 70 18.87 -4.22 -16.33
CA ASP C 70 17.79 -5.22 -16.42
C ASP C 70 17.81 -6.20 -15.27
N PHE C 71 16.77 -6.16 -14.44
CA PHE C 71 16.67 -7.04 -13.26
C PHE C 71 15.45 -7.94 -13.33
N THR C 72 15.56 -9.17 -12.81
CA THR C 72 14.44 -10.10 -12.85
C THR C 72 14.31 -10.83 -11.53
N LEU C 73 13.09 -11.00 -11.06
CA LEU C 73 12.80 -11.84 -9.91
C LEU C 73 12.07 -13.02 -10.52
N THR C 74 12.64 -14.24 -10.34
CA THR C 74 11.99 -15.44 -10.83
C THR C 74 11.44 -16.27 -9.66
N ILE C 75 10.16 -16.66 -9.74
CA ILE C 75 9.51 -17.52 -8.75
C ILE C 75 9.18 -18.84 -9.46
N SER C 76 9.76 -19.94 -8.97
CA SER C 76 9.50 -21.27 -9.52
C SER C 76 8.51 -22.01 -8.62
N ASN C 77 7.77 -22.99 -9.20
CA ASN C 77 6.75 -23.78 -8.53
C ASN C 77 5.79 -22.88 -7.74
N VAL C 78 5.19 -21.91 -8.46
CA VAL C 78 4.28 -20.93 -7.88
C VAL C 78 3.20 -21.60 -7.01
N GLN C 79 3.07 -21.11 -5.77
CA GLN C 79 2.10 -21.63 -4.81
C GLN C 79 1.08 -20.56 -4.49
N SER C 80 -0.05 -20.98 -3.89
CA SER C 80 -1.13 -20.13 -3.43
C SER C 80 -0.62 -19.07 -2.46
N GLU C 81 0.44 -19.39 -1.67
CA GLU C 81 1.04 -18.45 -0.71
C GLU C 81 1.86 -17.34 -1.38
N ASP C 82 2.20 -17.47 -2.68
CA ASP C 82 2.99 -16.45 -3.37
C ASP C 82 2.15 -15.27 -3.85
N LEU C 83 0.82 -15.37 -3.68
CA LEU C 83 -0.13 -14.32 -4.05
C LEU C 83 0.29 -13.06 -3.27
N ALA C 84 0.78 -12.04 -3.98
CA ALA C 84 1.37 -10.84 -3.38
C ALA C 84 1.78 -9.83 -4.45
N ASP C 85 2.21 -8.66 -3.97
CA ASP C 85 2.78 -7.61 -4.81
C ASP C 85 4.30 -7.72 -4.62
N TYR C 86 5.05 -7.73 -5.73
CA TYR C 86 6.49 -7.85 -5.70
C TYR C 86 7.06 -6.57 -6.25
N PHE C 87 7.99 -6.00 -5.53
CA PHE C 87 8.61 -4.77 -6.03
C PHE C 87 10.10 -4.70 -5.89
N CYS C 88 10.73 -3.98 -6.84
CA CYS C 88 12.17 -3.75 -6.81
C CYS C 88 12.47 -2.37 -6.21
N LEU C 89 13.73 -2.19 -5.85
CA LEU C 89 14.23 -0.97 -5.23
C LEU C 89 15.68 -0.77 -5.63
N GLN C 90 16.02 0.38 -6.19
CA GLN C 90 17.43 0.72 -6.42
C GLN C 90 17.99 1.52 -5.24
N HIS C 91 19.20 1.14 -4.82
CA HIS C 91 19.92 1.82 -3.74
C HIS C 91 21.37 2.10 -4.15
N TRP C 92 21.56 2.39 -5.46
CA TRP C 92 22.84 2.76 -6.07
C TRP C 92 23.20 4.19 -5.66
N THR C 93 22.26 5.14 -5.78
CA THR C 93 22.46 6.54 -5.35
C THR C 93 21.14 7.11 -4.80
N TYR C 94 21.24 8.17 -4.00
CA TYR C 94 20.09 8.87 -3.44
C TYR C 94 19.44 9.73 -4.55
N PRO C 95 18.10 9.91 -4.57
CA PRO C 95 17.13 9.26 -3.68
C PRO C 95 16.90 7.82 -4.11
N TYR C 96 16.73 6.94 -3.14
CA TYR C 96 16.38 5.55 -3.45
C TYR C 96 14.99 5.57 -4.08
N THR C 97 14.79 4.72 -5.08
CA THR C 97 13.53 4.67 -5.83
C THR C 97 13.08 3.25 -6.03
N PHE C 98 11.76 3.07 -5.97
CA PHE C 98 11.10 1.76 -6.06
C PHE C 98 10.40 1.63 -7.39
N GLY C 99 10.31 0.41 -7.87
CA GLY C 99 9.49 0.06 -9.00
C GLY C 99 8.04 0.11 -8.52
N GLY C 100 7.12 0.24 -9.47
CA GLY C 100 5.68 0.37 -9.18
C GLY C 100 5.02 -0.90 -8.67
N GLY C 101 5.75 -2.01 -8.71
CA GLY C 101 5.26 -3.29 -8.23
C GLY C 101 4.51 -4.08 -9.28
N THR C 102 4.47 -5.40 -9.06
CA THR C 102 3.78 -6.36 -9.90
C THR C 102 2.97 -7.25 -8.99
N LYS C 103 1.64 -7.26 -9.22
CA LYS C 103 0.71 -8.08 -8.45
C LYS C 103 0.64 -9.44 -9.09
N LEU C 104 0.98 -10.46 -8.33
CA LEU C 104 0.96 -11.81 -8.84
C LEU C 104 -0.39 -12.42 -8.54
N GLU C 105 -1.10 -12.81 -9.61
CA GLU C 105 -2.43 -13.44 -9.58
C GLU C 105 -2.24 -14.92 -9.81
N ILE C 106 -2.86 -15.76 -8.97
CA ILE C 106 -2.79 -17.21 -9.13
C ILE C 106 -3.95 -17.65 -10.05
N LYS C 107 -3.62 -18.36 -11.16
CA LYS C 107 -4.58 -18.86 -12.13
C LYS C 107 -5.12 -20.21 -11.65
N ARG C 108 -6.41 -20.48 -11.87
CA ARG C 108 -7.10 -21.72 -11.46
C ARG C 108 -8.29 -22.04 -12.37
N ALA C 109 -9.00 -23.16 -12.08
CA ALA C 109 -10.17 -23.56 -12.86
C ALA C 109 -11.29 -22.50 -12.66
N ASP C 110 -12.21 -22.39 -13.63
CA ASP C 110 -13.33 -21.42 -13.54
C ASP C 110 -14.22 -21.71 -12.32
N ALA C 111 -14.76 -20.64 -11.73
CA ALA C 111 -15.69 -20.72 -10.61
C ALA C 111 -16.79 -19.69 -10.85
N ALA C 112 -18.04 -20.18 -10.90
CA ALA C 112 -19.22 -19.36 -11.11
C ALA C 112 -19.52 -18.59 -9.83
N PRO C 113 -19.93 -17.32 -9.89
CA PRO C 113 -20.19 -16.61 -8.63
C PRO C 113 -21.45 -17.13 -7.93
N THR C 114 -21.46 -17.03 -6.62
CA THR C 114 -22.65 -17.30 -5.83
C THR C 114 -23.23 -15.91 -5.63
N VAL C 115 -24.41 -15.68 -6.21
CA VAL C 115 -25.08 -14.38 -6.18
C VAL C 115 -26.22 -14.35 -5.16
N SER C 116 -26.21 -13.35 -4.27
CA SER C 116 -27.22 -13.16 -3.23
C SER C 116 -27.66 -11.70 -3.15
N ILE C 117 -28.97 -11.47 -3.14
CA ILE C 117 -29.55 -10.12 -3.02
C ILE C 117 -30.24 -9.98 -1.65
N PHE C 118 -30.17 -8.77 -1.05
CA PHE C 118 -30.78 -8.51 0.25
C PHE C 118 -31.54 -7.18 0.23
N PRO C 119 -32.79 -7.22 0.71
CA PRO C 119 -33.54 -5.97 0.82
C PRO C 119 -33.01 -5.10 1.97
N PRO C 120 -33.32 -3.79 2.00
CA PRO C 120 -32.92 -2.98 3.15
C PRO C 120 -33.56 -3.56 4.40
N SER C 121 -32.90 -3.44 5.55
CA SER C 121 -33.46 -3.92 6.80
C SER C 121 -34.50 -2.90 7.34
N SER C 122 -35.39 -3.35 8.25
CA SER C 122 -36.39 -2.48 8.90
C SER C 122 -35.69 -1.37 9.69
N GLU C 123 -34.54 -1.69 10.31
CA GLU C 123 -33.73 -0.75 11.10
C GLU C 123 -33.24 0.42 10.23
N GLN C 124 -32.71 0.13 9.03
CA GLN C 124 -32.25 1.20 8.12
C GLN C 124 -33.42 2.06 7.65
N LEU C 125 -34.56 1.41 7.29
CA LEU C 125 -35.75 2.09 6.80
C LEU C 125 -36.31 3.07 7.87
N THR C 126 -36.22 2.72 9.16
CA THR C 126 -36.64 3.59 10.29
C THR C 126 -35.86 4.95 10.29
N SER C 127 -34.62 4.97 9.75
CA SER C 127 -33.77 6.16 9.64
C SER C 127 -33.92 6.96 8.30
N GLY C 128 -34.85 6.55 7.45
CA GLY C 128 -35.09 7.21 6.16
C GLY C 128 -34.14 6.84 5.04
N GLY C 129 -33.37 5.77 5.24
CA GLY C 129 -32.43 5.28 4.25
C GLY C 129 -32.78 3.89 3.76
N ALA C 130 -32.27 3.50 2.58
CA ALA C 130 -32.51 2.17 2.04
C ALA C 130 -31.36 1.73 1.15
N SER C 131 -30.61 0.68 1.58
CA SER C 131 -29.52 0.13 0.79
C SER C 131 -29.92 -1.31 0.41
N VAL C 132 -29.84 -1.62 -0.88
CA VAL C 132 -30.10 -2.97 -1.40
C VAL C 132 -28.70 -3.55 -1.68
N VAL C 133 -28.41 -4.71 -1.09
CA VAL C 133 -27.07 -5.30 -1.17
C VAL C 133 -27.07 -6.56 -2.01
N CYS C 134 -26.05 -6.66 -2.87
CA CYS C 134 -25.84 -7.86 -3.67
C CYS C 134 -24.39 -8.37 -3.53
N PHE C 135 -24.22 -9.64 -3.09
CA PHE C 135 -22.89 -10.25 -2.99
C PHE C 135 -22.69 -11.17 -4.19
N LEU C 136 -21.52 -11.05 -4.87
CA LEU C 136 -21.12 -11.93 -5.98
C LEU C 136 -19.85 -12.62 -5.45
N ASN C 137 -20.00 -13.83 -4.87
CA ASN C 137 -18.95 -14.51 -4.14
C ASN C 137 -18.27 -15.69 -4.81
N ASN C 138 -16.96 -15.82 -4.52
CA ASN C 138 -16.06 -16.93 -4.91
C ASN C 138 -16.06 -17.24 -6.40
N PHE C 139 -15.82 -16.22 -7.21
CA PHE C 139 -15.76 -16.44 -8.66
C PHE C 139 -14.33 -16.35 -9.22
N TYR C 140 -14.12 -16.92 -10.41
CA TYR C 140 -12.84 -16.89 -11.16
C TYR C 140 -13.17 -17.16 -12.63
N PRO C 141 -12.64 -16.41 -13.62
CA PRO C 141 -11.68 -15.29 -13.54
C PRO C 141 -12.19 -14.00 -12.88
N LYS C 142 -11.28 -13.02 -12.62
CA LYS C 142 -11.65 -11.77 -11.92
C LYS C 142 -12.67 -10.88 -12.59
N ASP C 143 -12.75 -10.92 -13.96
CA ASP C 143 -13.64 -10.04 -14.74
C ASP C 143 -15.10 -10.37 -14.51
N ILE C 144 -15.88 -9.40 -14.03
CA ILE C 144 -17.31 -9.57 -13.77
C ILE C 144 -18.04 -8.23 -14.01
N ASN C 145 -19.31 -8.32 -14.42
CA ASN C 145 -20.16 -7.14 -14.61
C ASN C 145 -21.38 -7.34 -13.72
N VAL C 146 -21.75 -6.30 -12.99
CA VAL C 146 -22.93 -6.28 -12.14
C VAL C 146 -23.84 -5.19 -12.70
N LYS C 147 -25.12 -5.52 -12.87
CA LYS C 147 -26.13 -4.60 -13.39
C LYS C 147 -27.32 -4.62 -12.43
N TRP C 148 -27.85 -3.45 -12.11
CA TRP C 148 -29.01 -3.37 -11.24
C TRP C 148 -30.21 -2.99 -12.08
N LYS C 149 -31.37 -3.49 -11.67
CA LYS C 149 -32.63 -3.16 -12.30
C LYS C 149 -33.68 -2.90 -11.22
N ILE C 150 -34.54 -1.91 -11.46
CA ILE C 150 -35.65 -1.54 -10.59
C ILE C 150 -36.89 -1.63 -11.47
N ASP C 151 -37.80 -2.56 -11.14
CA ASP C 151 -39.04 -2.84 -11.88
C ASP C 151 -38.75 -3.08 -13.38
N GLY C 152 -37.65 -3.80 -13.64
CA GLY C 152 -37.17 -4.12 -14.97
C GLY C 152 -36.33 -3.07 -15.66
N SER C 153 -36.32 -1.83 -15.13
CA SER C 153 -35.54 -0.76 -15.76
C SER C 153 -34.17 -0.67 -15.11
N GLU C 154 -33.12 -0.59 -15.95
CA GLU C 154 -31.73 -0.50 -15.52
C GLU C 154 -31.48 0.72 -14.65
N ARG C 155 -30.79 0.52 -13.53
CA ARG C 155 -30.47 1.59 -12.61
C ARG C 155 -28.95 1.68 -12.48
N GLN C 156 -28.39 2.88 -12.67
CA GLN C 156 -26.94 3.10 -12.52
C GLN C 156 -26.65 4.09 -11.37
N ASN C 157 -27.55 5.04 -11.15
CA ASN C 157 -27.44 6.07 -10.09
C ASN C 157 -27.48 5.42 -8.68
N GLY C 158 -26.50 5.72 -7.84
CA GLY C 158 -26.43 5.26 -6.45
C GLY C 158 -25.85 3.87 -6.17
N VAL C 159 -25.14 3.31 -7.16
CA VAL C 159 -24.51 1.99 -7.06
C VAL C 159 -23.05 2.17 -6.67
N LEU C 160 -22.62 1.48 -5.59
CA LEU C 160 -21.24 1.48 -5.12
C LEU C 160 -20.75 0.05 -5.04
N ASN C 161 -19.61 -0.22 -5.70
CA ASN C 161 -19.03 -1.56 -5.78
C ASN C 161 -17.71 -1.68 -5.03
N SER C 162 -17.57 -2.77 -4.26
CA SER C 162 -16.32 -3.05 -3.51
C SER C 162 -15.78 -4.43 -3.86
N TRP C 163 -14.54 -4.48 -4.32
CA TRP C 163 -13.88 -5.73 -4.74
C TRP C 163 -12.86 -6.23 -3.73
N THR C 164 -12.88 -7.53 -3.42
CA THR C 164 -11.86 -8.07 -2.52
C THR C 164 -10.61 -8.37 -3.35
N ASP C 165 -9.46 -8.58 -2.67
CA ASP C 165 -8.23 -9.05 -3.25
C ASP C 165 -8.47 -10.51 -3.56
N GLN C 166 -7.61 -11.13 -4.38
CA GLN C 166 -7.74 -12.56 -4.66
C GLN C 166 -7.51 -13.31 -3.34
N ASP C 167 -8.35 -14.29 -3.09
CA ASP C 167 -8.32 -15.10 -1.88
C ASP C 167 -7.18 -16.13 -1.93
N SER C 168 -6.26 -16.08 -0.96
CA SER C 168 -5.11 -17.00 -0.89
C SER C 168 -5.57 -18.43 -0.64
N LYS C 169 -6.69 -18.60 0.10
CA LYS C 169 -7.23 -19.92 0.45
C LYS C 169 -7.77 -20.72 -0.77
N ASP C 170 -8.50 -20.07 -1.70
CA ASP C 170 -9.06 -20.76 -2.88
C ASP C 170 -8.80 -20.09 -4.24
N SER C 171 -8.01 -18.99 -4.27
CA SER C 171 -7.71 -18.23 -5.51
C SER C 171 -8.91 -17.60 -6.22
N THR C 172 -10.01 -17.37 -5.47
CA THR C 172 -11.18 -16.75 -6.06
C THR C 172 -11.28 -15.25 -5.70
N TYR C 173 -12.25 -14.59 -6.32
CA TYR C 173 -12.56 -13.20 -6.10
C TYR C 173 -14.00 -13.07 -5.62
N SER C 174 -14.27 -12.00 -4.86
CA SER C 174 -15.62 -11.67 -4.41
C SER C 174 -15.83 -10.17 -4.54
N MET C 175 -17.09 -9.79 -4.60
CA MET C 175 -17.49 -8.41 -4.84
C MET C 175 -18.82 -8.17 -4.14
N SER C 176 -18.98 -6.97 -3.59
CA SER C 176 -20.24 -6.56 -3.01
C SER C 176 -20.72 -5.35 -3.82
N SER C 177 -22.01 -5.32 -4.19
CA SER C 177 -22.62 -4.16 -4.86
C SER C 177 -23.78 -3.65 -4.01
N THR C 178 -23.79 -2.35 -3.75
CA THR C 178 -24.83 -1.71 -2.95
C THR C 178 -25.49 -0.57 -3.70
N LEU C 179 -26.81 -0.66 -3.80
CA LEU C 179 -27.65 0.34 -4.40
C LEU C 179 -28.28 1.09 -3.24
N THR C 180 -27.91 2.37 -3.07
CA THR C 180 -28.46 3.20 -2.00
C THR C 180 -29.43 4.21 -2.56
N LEU C 181 -30.66 4.20 -2.03
CA LEU C 181 -31.77 5.09 -2.41
C LEU C 181 -32.28 5.73 -1.11
N THR C 182 -33.25 6.65 -1.24
CA THR C 182 -33.95 7.18 -0.07
C THR C 182 -35.05 6.15 0.25
N LYS C 183 -35.53 6.12 1.51
CA LYS C 183 -36.64 5.24 1.91
C LYS C 183 -37.84 5.54 0.96
N ASP C 184 -38.10 6.84 0.72
CA ASP C 184 -39.15 7.30 -0.18
C ASP C 184 -39.12 6.69 -1.59
N GLU C 185 -37.98 6.79 -2.31
CA GLU C 185 -37.83 6.24 -3.66
C GLU C 185 -37.86 4.70 -3.65
N TYR C 186 -37.29 4.08 -2.60
CA TYR C 186 -37.30 2.63 -2.46
C TYR C 186 -38.75 2.09 -2.39
N GLU C 187 -39.58 2.75 -1.58
CA GLU C 187 -40.98 2.34 -1.40
C GLU C 187 -41.93 2.69 -2.56
N ARG C 188 -41.42 3.36 -3.61
CA ARG C 188 -42.24 3.70 -4.78
C ARG C 188 -42.07 2.62 -5.86
N HIS C 189 -41.20 1.63 -5.61
CA HIS C 189 -40.91 0.56 -6.55
C HIS C 189 -41.09 -0.83 -5.94
N ASN C 190 -41.33 -1.84 -6.79
CA ASN C 190 -41.59 -3.19 -6.31
C ASN C 190 -40.46 -4.18 -6.48
N SER C 191 -39.94 -4.35 -7.71
CA SER C 191 -38.91 -5.37 -7.92
C SER C 191 -37.49 -4.81 -7.98
N TYR C 192 -36.57 -5.47 -7.25
CA TYR C 192 -35.16 -5.09 -7.20
C TYR C 192 -34.36 -6.27 -7.68
N THR C 193 -33.52 -6.04 -8.70
CA THR C 193 -32.77 -7.09 -9.36
C THR C 193 -31.28 -6.79 -9.47
N CYS C 194 -30.46 -7.79 -9.13
CA CYS C 194 -29.02 -7.74 -9.26
C CYS C 194 -28.66 -8.80 -10.31
N GLU C 195 -27.95 -8.43 -11.40
CA GLU C 195 -27.57 -9.37 -12.45
C GLU C 195 -26.05 -9.41 -12.62
N ALA C 196 -25.48 -10.61 -12.62
CA ALA C 196 -24.05 -10.81 -12.80
C ALA C 196 -23.76 -11.46 -14.15
N THR C 197 -22.90 -10.83 -14.96
CA THR C 197 -22.41 -11.37 -16.24
C THR C 197 -20.95 -11.79 -16.02
N HIS C 198 -20.66 -13.08 -16.24
CA HIS C 198 -19.36 -13.67 -16.01
C HIS C 198 -19.07 -14.72 -17.09
N LYS C 199 -17.78 -15.00 -17.34
CA LYS C 199 -17.29 -16.01 -18.30
C LYS C 199 -18.07 -17.34 -18.21
N THR C 200 -18.44 -17.72 -16.97
CA THR C 200 -19.12 -18.97 -16.62
C THR C 200 -20.53 -19.22 -17.21
N SER C 201 -21.21 -18.17 -17.71
CA SER C 201 -22.57 -18.31 -18.24
C SER C 201 -22.81 -17.32 -19.38
N THR C 202 -23.58 -17.75 -20.42
CA THR C 202 -23.99 -16.89 -21.54
C THR C 202 -25.00 -15.88 -20.99
N SER C 203 -26.07 -16.39 -20.38
CA SER C 203 -27.13 -15.54 -19.81
C SER C 203 -26.66 -15.05 -18.45
N PRO C 204 -27.02 -13.81 -18.07
CA PRO C 204 -26.63 -13.31 -16.73
C PRO C 204 -27.25 -14.14 -15.60
N ILE C 205 -26.59 -14.17 -14.43
CA ILE C 205 -27.13 -14.83 -13.25
C ILE C 205 -27.97 -13.77 -12.55
N VAL C 206 -29.27 -14.00 -12.46
CA VAL C 206 -30.22 -13.03 -11.94
C VAL C 206 -30.74 -13.39 -10.56
N LYS C 207 -30.74 -12.39 -9.67
CA LYS C 207 -31.28 -12.52 -8.31
C LYS C 207 -32.14 -11.31 -8.06
N SER C 208 -33.38 -11.57 -7.66
CA SER C 208 -34.32 -10.49 -7.42
C SER C 208 -35.22 -10.76 -6.23
N PHE C 209 -35.88 -9.71 -5.73
CA PHE C 209 -36.93 -9.81 -4.72
C PHE C 209 -38.01 -8.79 -5.07
N ASN C 210 -39.23 -9.04 -4.59
CA ASN C 210 -40.36 -8.16 -4.78
C ASN C 210 -40.80 -7.66 -3.41
N ARG C 211 -40.83 -6.33 -3.24
CA ARG C 211 -41.25 -5.69 -2.00
C ARG C 211 -42.63 -6.24 -1.50
N ASN C 212 -43.58 -6.50 -2.44
CA ASN C 212 -44.92 -7.03 -2.12
C ASN C 212 -44.96 -8.53 -1.75
C1 GOL D . 3.58 -2.03 -4.20
O1 GOL D . 2.19 -1.95 -3.86
C2 GOL D . 4.08 -0.66 -4.60
O2 GOL D . 3.80 0.28 -3.54
C3 GOL D . 5.56 -0.71 -4.87
O3 GOL D . 6.02 0.57 -5.31
C1 GOL E . 21.15 14.80 1.40
O1 GOL E . 20.95 13.65 0.63
C2 GOL E . 20.18 15.86 0.94
O2 GOL E . 20.74 16.56 -0.18
C3 GOL E . 19.96 16.79 2.10
O3 GOL E . 19.03 16.20 2.98
H11 GOL E . 20.90 16.99 2.62
H12 GOL E . 19.61 17.77 1.77
HO1 GOL E . 18.28 16.84 3.07
H2 GOL E . 19.26 15.44 0.56
HO2 GOL E . 20.05 17.19 -0.53
H31 GOL E . 22.18 15.16 1.32
H32 GOL E . 20.99 14.60 2.45
HO3 GOL E . 21.25 13.86 -0.29
C1 GOL F . -14.14 -21.84 -4.42
O1 GOL F . -14.73 -21.43 -3.20
C2 GOL F . -13.88 -23.32 -4.42
O2 GOL F . -12.48 -23.58 -4.63
C3 GOL F . -14.70 -24.00 -5.48
O3 GOL F . -14.15 -23.79 -6.77
H11 GOL F . -15.74 -23.66 -5.43
H12 GOL F . -14.76 -25.07 -5.25
HO1 GOL F . -14.89 -23.98 -7.41
H2 GOL F . -14.05 -23.76 -3.43
HO2 GOL F . -12.22 -24.39 -4.13
H31 GOL F . -13.22 -21.29 -4.58
H32 GOL F . -14.80 -21.55 -5.24
HO3 GOL F . -13.98 -21.32 -2.56
C1 GOL G . 21.21 9.69 -10.61
O1 GOL G . 20.69 10.81 -9.90
C2 GOL G . 22.63 9.41 -10.21
O2 GOL G . 22.80 8.00 -10.00
C3 GOL G . 23.52 9.84 -11.34
O3 GOL G . 24.50 8.84 -11.59
#